data_1M2Z
#
_entry.id   1M2Z
#
_cell.length_a   125.843
_cell.length_b   125.843
_cell.length_c   85.976
_cell.angle_alpha   90.00
_cell.angle_beta   90.00
_cell.angle_gamma   120.00
#
_symmetry.space_group_name_H-M   'P 61'
#
loop_
_entity.id
_entity.type
_entity.pdbx_description
1 polymer 'glucocorticoid receptor'
2 polymer 'nuclear receptor coactivator 2'
3 non-polymer 'octyl beta-D-glucopyranoside'
4 non-polymer DEXAMETHASONE
5 water water
#
loop_
_entity_poly.entity_id
_entity_poly.type
_entity_poly.pdbx_seq_one_letter_code
_entity_poly.pdbx_strand_id
1 'polypeptide(L)'
;VPATLPQLTPTLVSLLEVIEPEVLYAGYDSSVPDSTWRIMTTLNMLGGRQVIAAVKWAKAIPGFRNLHLDDQMTLLQYSW
MSLMAFALGWRSYRQSSANLLCFAPDLIINEQRMTLPCMYDQCKHMLYVSSELHRLQVSYEEYLCMKTLLLLSSVPKDGL
KSQELFDEIRMTYIKELGKAIVKREGNSSQNWQRFYQLTKLLDSMHEVVENLLNYCFQTFLDKTMSIEFPEMLAEIITNQ
IPKYSNGNIKKLLFHQK
;
A,D
2 'polypeptide(L)' PVSPKKKENALLRYLLDKDDT B,E
#
# COMPACT_ATOMS: atom_id res chain seq x y z
N ALA A 3 36.32 11.44 -2.32
CA ALA A 3 35.99 12.09 -1.02
C ALA A 3 34.65 11.59 -0.49
N THR A 4 34.18 12.20 0.59
CA THR A 4 32.91 11.82 1.20
C THR A 4 31.76 11.73 0.21
N LEU A 5 30.98 10.67 0.37
CA LEU A 5 29.80 10.45 -0.45
C LEU A 5 28.97 9.39 0.29
N PRO A 6 27.66 9.33 0.00
CA PRO A 6 26.89 10.13 -0.93
C PRO A 6 27.04 11.67 -1.06
N GLN A 7 26.65 12.07 -2.26
CA GLN A 7 26.57 13.41 -2.84
C GLN A 7 27.24 14.74 -2.47
N LEU A 8 28.48 14.76 -1.97
CA LEU A 8 29.05 16.08 -1.73
C LEU A 8 29.42 16.69 -3.10
N THR A 9 29.12 15.91 -4.13
CA THR A 9 29.29 16.24 -5.55
C THR A 9 28.16 15.44 -6.19
N PRO A 10 26.91 15.93 -6.07
CA PRO A 10 25.69 15.33 -6.60
C PRO A 10 25.80 14.52 -7.90
N THR A 11 24.89 13.55 -8.03
CA THR A 11 24.81 12.69 -9.20
C THR A 11 23.50 13.02 -9.91
N LEU A 12 23.48 12.87 -11.23
CA LEU A 12 22.28 13.17 -12.00
C LEU A 12 21.08 12.36 -11.48
N VAL A 13 21.27 11.06 -11.28
CA VAL A 13 20.18 10.22 -10.78
C VAL A 13 19.83 10.57 -9.33
N SER A 14 20.79 11.20 -8.63
CA SER A 14 20.57 11.63 -7.26
C SER A 14 19.59 12.80 -7.28
N LEU A 15 19.67 13.61 -8.33
CA LEU A 15 18.81 14.77 -8.52
C LEU A 15 17.38 14.31 -8.76
N LEU A 16 17.22 13.36 -9.68
CA LEU A 16 15.90 12.83 -10.01
C LEU A 16 15.20 12.26 -8.78
N GLU A 17 15.98 11.68 -7.89
CA GLU A 17 15.45 11.09 -6.66
C GLU A 17 14.85 12.14 -5.75
N VAL A 18 15.53 13.26 -5.57
CA VAL A 18 15.06 14.33 -4.71
C VAL A 18 13.95 15.20 -5.32
N ILE A 19 13.86 15.24 -6.65
CA ILE A 19 12.82 16.03 -7.30
C ILE A 19 11.56 15.23 -7.56
N GLU A 20 11.62 13.92 -7.33
CA GLU A 20 10.47 13.07 -7.53
C GLU A 20 9.35 13.57 -6.62
N PRO A 21 8.24 14.03 -7.21
CA PRO A 21 7.13 14.53 -6.38
C PRO A 21 6.59 13.41 -5.51
N GLU A 22 6.13 13.74 -4.31
CA GLU A 22 5.59 12.72 -3.42
C GLU A 22 4.15 12.38 -3.80
N VAL A 23 3.73 11.18 -3.42
CA VAL A 23 2.40 10.69 -3.71
C VAL A 23 1.30 11.54 -3.09
N LEU A 24 0.25 11.81 -3.88
CA LEU A 24 -0.89 12.59 -3.43
C LEU A 24 -2.05 11.66 -3.13
N TYR A 25 -2.89 12.04 -2.17
CA TYR A 25 -4.06 11.26 -1.81
C TYR A 25 -5.30 11.89 -2.42
N ALA A 26 -6.13 11.06 -3.03
CA ALA A 26 -7.35 11.53 -3.70
C ALA A 26 -8.41 12.21 -2.83
N GLY A 27 -8.32 12.06 -1.51
CA GLY A 27 -9.32 12.66 -0.66
C GLY A 27 -10.69 12.16 -1.08
N TYR A 28 -10.77 10.84 -1.30
CA TYR A 28 -11.98 10.17 -1.72
C TYR A 28 -12.85 9.83 -0.53
N ASP A 29 -14.15 9.97 -0.68
CA ASP A 29 -15.08 9.65 0.41
C ASP A 29 -15.59 8.21 0.27
N SER A 30 -14.91 7.29 0.95
CA SER A 30 -15.28 5.89 0.89
C SER A 30 -16.34 5.49 1.93
N SER A 31 -16.93 6.49 2.60
CA SER A 31 -17.95 6.22 3.60
C SER A 31 -19.29 5.93 2.92
N VAL A 32 -19.39 6.32 1.65
CA VAL A 32 -20.59 6.09 0.86
C VAL A 32 -20.21 5.15 -0.29
N PRO A 33 -21.16 4.36 -0.79
CA PRO A 33 -20.90 3.41 -1.87
C PRO A 33 -20.18 4.00 -3.08
N ASP A 34 -19.45 3.14 -3.79
CA ASP A 34 -18.70 3.56 -4.98
C ASP A 34 -19.58 3.42 -6.21
N SER A 35 -19.00 3.74 -7.37
CA SER A 35 -19.69 3.66 -8.65
C SER A 35 -18.68 4.06 -9.71
N THR A 36 -18.79 3.49 -10.90
CA THR A 36 -17.87 3.81 -11.97
C THR A 36 -17.70 5.32 -12.09
N TRP A 37 -18.81 6.03 -12.23
CA TRP A 37 -18.80 7.48 -12.36
C TRP A 37 -18.02 8.23 -11.27
N ARG A 38 -18.20 7.84 -10.01
CA ARG A 38 -17.54 8.51 -8.91
C ARG A 38 -16.05 8.19 -8.83
N ILE A 39 -15.69 6.93 -9.07
CA ILE A 39 -14.29 6.50 -9.04
C ILE A 39 -13.46 7.25 -10.08
N MET A 40 -13.96 7.29 -11.31
CA MET A 40 -13.28 7.94 -12.43
C MET A 40 -13.13 9.44 -12.22
N THR A 41 -14.21 10.10 -11.81
CA THR A 41 -14.18 11.54 -11.58
C THR A 41 -13.11 11.86 -10.55
N THR A 42 -13.10 11.14 -9.44
CA THR A 42 -12.12 11.32 -8.39
C THR A 42 -10.71 11.12 -8.94
N LEU A 43 -10.56 10.14 -9.83
CA LEU A 43 -9.26 9.85 -10.43
C LEU A 43 -8.83 10.95 -11.40
N ASN A 44 -9.78 11.57 -12.08
CA ASN A 44 -9.46 12.64 -13.02
C ASN A 44 -8.96 13.86 -12.25
N MET A 45 -9.65 14.20 -11.17
CA MET A 45 -9.26 15.33 -10.34
C MET A 45 -7.84 15.06 -9.82
N LEU A 46 -7.61 13.83 -9.37
CA LEU A 46 -6.30 13.42 -8.88
C LEU A 46 -5.29 13.59 -10.01
N GLY A 47 -5.69 13.20 -11.21
CA GLY A 47 -4.81 13.32 -12.36
C GLY A 47 -4.43 14.76 -12.61
N GLY A 48 -5.38 15.67 -12.42
CA GLY A 48 -5.10 17.09 -12.62
C GLY A 48 -3.97 17.54 -11.72
N ARG A 49 -4.09 17.23 -10.43
CA ARG A 49 -3.06 17.62 -9.46
C ARG A 49 -1.73 16.90 -9.70
N GLN A 50 -1.80 15.67 -10.19
CA GLN A 50 -0.58 14.91 -10.48
C GLN A 50 0.13 15.49 -11.69
N VAL A 51 -0.63 15.97 -12.66
CA VAL A 51 -0.07 16.58 -13.86
C VAL A 51 0.57 17.90 -13.47
N ILE A 52 -0.10 18.65 -12.60
CA ILE A 52 0.42 19.93 -12.12
C ILE A 52 1.77 19.70 -11.47
N ALA A 53 1.87 18.64 -10.68
CA ALA A 53 3.12 18.29 -10.01
C ALA A 53 4.17 17.84 -11.02
N ALA A 54 3.72 17.21 -12.10
CA ALA A 54 4.61 16.74 -13.14
C ALA A 54 5.34 17.92 -13.80
N VAL A 55 4.63 19.04 -13.94
CA VAL A 55 5.21 20.24 -14.53
C VAL A 55 6.35 20.75 -13.64
N LYS A 56 6.08 20.84 -12.34
CA LYS A 56 7.07 21.30 -11.38
C LYS A 56 8.27 20.35 -11.38
N TRP A 57 7.98 19.06 -11.57
CA TRP A 57 9.00 18.02 -11.62
C TRP A 57 9.87 18.18 -12.87
N ALA A 58 9.21 18.33 -14.02
CA ALA A 58 9.89 18.48 -15.31
C ALA A 58 10.85 19.67 -15.33
N LYS A 59 10.45 20.78 -14.72
CA LYS A 59 11.27 21.97 -14.69
C LYS A 59 12.52 21.82 -13.82
N ALA A 60 12.52 20.82 -12.95
CA ALA A 60 13.66 20.56 -12.07
C ALA A 60 14.65 19.59 -12.71
N ILE A 61 14.23 18.97 -13.82
CA ILE A 61 15.08 18.02 -14.52
C ILE A 61 16.10 18.82 -15.31
N PRO A 62 17.38 18.77 -14.90
CA PRO A 62 18.45 19.49 -15.58
C PRO A 62 18.37 19.46 -17.11
N GLY A 63 18.40 20.64 -17.72
CA GLY A 63 18.34 20.72 -19.17
C GLY A 63 16.96 20.80 -19.78
N PHE A 64 15.95 20.27 -19.10
CA PHE A 64 14.60 20.30 -19.63
C PHE A 64 14.12 21.70 -19.98
N ARG A 65 14.24 22.62 -19.02
CA ARG A 65 13.79 23.98 -19.27
C ARG A 65 14.80 24.91 -19.93
N ASN A 66 15.63 24.32 -20.79
CA ASN A 66 16.61 25.06 -21.58
C ASN A 66 16.16 24.89 -23.03
N LEU A 67 15.20 23.99 -23.22
CA LEU A 67 14.59 23.72 -24.50
C LEU A 67 13.63 24.88 -24.71
N HIS A 68 13.23 25.13 -25.94
CA HIS A 68 12.30 26.22 -26.19
C HIS A 68 11.08 25.98 -25.31
N LEU A 69 10.51 27.05 -24.77
CA LEU A 69 9.34 26.94 -23.90
C LEU A 69 8.20 26.16 -24.54
N ASP A 70 8.08 26.21 -25.86
CA ASP A 70 7.03 25.48 -26.57
C ASP A 70 7.28 23.98 -26.56
N ASP A 71 8.54 23.58 -26.61
CA ASP A 71 8.87 22.16 -26.57
C ASP A 71 8.52 21.62 -25.19
N GLN A 72 8.78 22.43 -24.16
CA GLN A 72 8.45 22.05 -22.79
C GLN A 72 6.96 21.76 -22.71
N MET A 73 6.16 22.56 -23.41
CA MET A 73 4.71 22.38 -23.43
C MET A 73 4.33 21.15 -24.25
N THR A 74 5.03 20.94 -25.37
CA THR A 74 4.76 19.80 -26.24
C THR A 74 5.02 18.49 -25.52
N LEU A 75 6.22 18.34 -24.97
CA LEU A 75 6.62 17.13 -24.25
C LEU A 75 5.62 16.69 -23.18
N LEU A 76 5.15 17.64 -22.36
CA LEU A 76 4.19 17.33 -21.32
C LEU A 76 2.84 16.92 -21.87
N GLN A 77 2.41 17.58 -22.94
CA GLN A 77 1.14 17.28 -23.59
C GLN A 77 1.17 15.94 -24.32
N TYR A 78 2.36 15.56 -24.78
CA TYR A 78 2.57 14.33 -25.52
C TYR A 78 2.88 13.11 -24.65
N SER A 79 3.05 13.31 -23.35
CA SER A 79 3.37 12.20 -22.47
C SER A 79 2.84 12.30 -21.05
N TRP A 80 1.83 13.14 -20.82
CA TRP A 80 1.29 13.27 -19.47
C TRP A 80 0.64 11.95 -19.06
N MET A 81 0.06 11.24 -20.02
CA MET A 81 -0.59 9.97 -19.78
C MET A 81 0.45 8.90 -19.50
N SER A 82 1.51 8.88 -20.30
CA SER A 82 2.59 7.91 -20.13
C SER A 82 3.22 8.07 -18.75
N LEU A 83 3.53 9.30 -18.37
CA LEU A 83 4.12 9.59 -17.07
C LEU A 83 3.22 9.13 -15.93
N MET A 84 1.96 9.56 -15.96
CA MET A 84 0.99 9.21 -14.93
C MET A 84 0.72 7.71 -14.86
N ALA A 85 0.58 7.07 -16.01
CA ALA A 85 0.31 5.63 -16.07
C ALA A 85 1.53 4.84 -15.57
N PHE A 86 2.71 5.31 -15.94
CA PHE A 86 3.95 4.65 -15.54
C PHE A 86 4.14 4.77 -14.03
N ALA A 87 3.91 5.98 -13.51
CA ALA A 87 4.04 6.23 -12.08
C ALA A 87 3.02 5.37 -11.33
N LEU A 88 1.83 5.22 -11.93
CA LEU A 88 0.77 4.41 -11.36
C LEU A 88 1.24 2.97 -11.23
N GLY A 89 1.71 2.41 -12.34
CA GLY A 89 2.21 1.05 -12.33
C GLY A 89 3.29 0.86 -11.27
N TRP A 90 4.12 1.88 -11.08
CA TRP A 90 5.18 1.81 -10.10
C TRP A 90 4.63 1.66 -8.69
N ARG A 91 3.70 2.54 -8.32
CA ARG A 91 3.10 2.47 -6.99
C ARG A 91 2.32 1.17 -6.78
N SER A 92 1.74 0.65 -7.86
CA SER A 92 0.98 -0.60 -7.78
C SER A 92 1.94 -1.77 -7.53
N TYR A 93 3.04 -1.77 -8.28
CA TYR A 93 4.07 -2.81 -8.17
C TYR A 93 4.72 -2.82 -6.79
N ARG A 94 5.01 -1.63 -6.28
CA ARG A 94 5.66 -1.46 -4.98
C ARG A 94 4.74 -1.69 -3.79
N GLN A 95 3.50 -1.21 -3.89
CA GLN A 95 2.54 -1.31 -2.81
C GLN A 95 1.76 -2.62 -2.71
N SER A 96 1.76 -3.44 -3.76
CA SER A 96 1.04 -4.71 -3.71
C SER A 96 1.45 -5.70 -4.81
N SER A 97 2.73 -5.68 -5.19
CA SER A 97 3.23 -6.59 -6.21
C SER A 97 2.39 -6.62 -7.49
N ALA A 98 1.95 -5.45 -7.94
CA ALA A 98 1.14 -5.34 -9.15
C ALA A 98 -0.15 -6.15 -9.11
N ASN A 99 -0.63 -6.46 -7.91
CA ASN A 99 -1.86 -7.23 -7.74
C ASN A 99 -3.06 -6.29 -7.93
N LEU A 100 -2.96 -5.11 -7.33
CA LEU A 100 -4.01 -4.11 -7.40
C LEU A 100 -3.44 -2.84 -8.04
N LEU A 101 -4.33 -1.88 -8.32
CA LEU A 101 -3.91 -0.62 -8.90
C LEU A 101 -3.99 0.41 -7.77
N CYS A 102 -2.85 0.95 -7.39
CA CYS A 102 -2.78 1.92 -6.31
C CYS A 102 -2.66 3.36 -6.80
N PHE A 103 -3.75 3.92 -7.31
CA PHE A 103 -3.75 5.29 -7.79
C PHE A 103 -3.26 6.22 -6.69
N ALA A 104 -3.56 5.85 -5.46
CA ALA A 104 -3.16 6.58 -4.27
C ALA A 104 -3.12 5.53 -3.16
N PRO A 105 -2.15 5.63 -2.25
CA PRO A 105 -2.06 4.64 -1.18
C PRO A 105 -3.34 4.51 -0.35
N ASP A 106 -4.24 5.48 -0.48
CA ASP A 106 -5.50 5.47 0.24
C ASP A 106 -6.69 5.17 -0.68
N LEU A 107 -6.42 5.08 -1.98
CA LEU A 107 -7.43 4.81 -2.99
C LEU A 107 -6.94 3.64 -3.85
N ILE A 108 -7.41 2.44 -3.56
CA ILE A 108 -6.99 1.25 -4.30
C ILE A 108 -8.16 0.56 -5.00
N ILE A 109 -7.99 0.27 -6.29
CA ILE A 109 -9.02 -0.42 -7.06
C ILE A 109 -8.91 -1.90 -6.75
N ASN A 110 -9.62 -2.32 -5.71
CA ASN A 110 -9.63 -3.70 -5.25
C ASN A 110 -10.52 -4.59 -6.11
N GLU A 111 -10.54 -5.88 -5.77
CA GLU A 111 -11.34 -6.88 -6.47
C GLU A 111 -12.78 -6.39 -6.69
N GLN A 112 -13.35 -5.80 -5.65
CA GLN A 112 -14.73 -5.29 -5.68
C GLN A 112 -14.93 -4.15 -6.68
N ARG A 113 -14.01 -3.20 -6.70
CA ARG A 113 -14.10 -2.07 -7.61
C ARG A 113 -13.68 -2.44 -9.03
N MET A 114 -12.79 -3.44 -9.13
CA MET A 114 -12.32 -3.91 -10.42
C MET A 114 -13.46 -4.58 -11.18
N THR A 115 -14.39 -5.18 -10.43
CA THR A 115 -15.54 -5.85 -11.03
C THR A 115 -16.67 -4.92 -11.46
N LEU A 116 -16.51 -3.61 -11.25
CA LEU A 116 -17.54 -2.67 -11.68
C LEU A 116 -17.64 -2.72 -13.20
N PRO A 117 -18.71 -2.13 -13.77
CA PRO A 117 -18.92 -2.11 -15.21
C PRO A 117 -17.69 -1.87 -16.11
N CYS A 118 -17.41 -0.61 -16.43
CA CYS A 118 -16.30 -0.27 -17.31
C CYS A 118 -14.90 -0.16 -16.68
N MET A 119 -14.81 -0.43 -15.38
CA MET A 119 -13.51 -0.31 -14.69
C MET A 119 -12.41 -1.23 -15.21
N TYR A 120 -12.68 -2.51 -15.39
CA TYR A 120 -11.64 -3.44 -15.85
C TYR A 120 -11.12 -3.17 -17.26
N ASP A 121 -12.01 -2.81 -18.19
CA ASP A 121 -11.57 -2.53 -19.56
C ASP A 121 -10.57 -1.37 -19.59
N GLN A 122 -10.69 -0.49 -18.60
CA GLN A 122 -9.79 0.66 -18.48
C GLN A 122 -8.53 0.25 -17.73
N CYS A 123 -8.73 -0.14 -16.48
CA CYS A 123 -7.63 -0.56 -15.60
C CYS A 123 -6.75 -1.65 -16.20
N LYS A 124 -7.32 -2.48 -17.06
CA LYS A 124 -6.57 -3.56 -17.70
C LYS A 124 -5.20 -3.13 -18.18
N HIS A 125 -5.15 -2.09 -19.01
CA HIS A 125 -3.91 -1.59 -19.56
C HIS A 125 -2.97 -1.00 -18.51
N MET A 126 -3.53 -0.45 -17.44
CA MET A 126 -2.73 0.11 -16.36
C MET A 126 -2.04 -1.03 -15.61
N LEU A 127 -2.80 -2.06 -15.27
CA LEU A 127 -2.25 -3.22 -14.57
C LEU A 127 -1.08 -3.80 -15.35
N TYR A 128 -1.16 -3.78 -16.67
CA TYR A 128 -0.11 -4.31 -17.52
C TYR A 128 1.26 -3.71 -17.21
N VAL A 129 1.34 -2.38 -17.14
CA VAL A 129 2.62 -1.73 -16.85
C VAL A 129 3.12 -2.08 -15.45
N SER A 130 2.20 -2.21 -14.50
CA SER A 130 2.55 -2.56 -13.13
C SER A 130 3.13 -3.98 -13.09
N SER A 131 2.42 -4.91 -13.72
CA SER A 131 2.86 -6.31 -13.80
C SER A 131 4.23 -6.41 -14.45
N GLU A 132 4.46 -5.56 -15.46
CA GLU A 132 5.72 -5.55 -16.19
C GLU A 132 6.86 -5.09 -15.30
N LEU A 133 6.60 -4.07 -14.49
CA LEU A 133 7.61 -3.54 -13.57
C LEU A 133 7.95 -4.58 -12.49
N HIS A 134 6.94 -5.36 -12.11
CA HIS A 134 7.12 -6.40 -11.10
C HIS A 134 7.85 -7.62 -11.67
N ARG A 135 7.54 -7.95 -12.93
CA ARG A 135 8.17 -9.09 -13.59
C ARG A 135 9.67 -8.86 -13.78
N LEU A 136 10.03 -7.62 -14.14
CA LEU A 136 11.43 -7.28 -14.36
C LEU A 136 12.14 -6.77 -13.10
N GLN A 137 11.42 -6.71 -11.99
CA GLN A 137 12.00 -6.24 -10.74
C GLN A 137 12.76 -4.93 -10.97
N VAL A 138 12.04 -3.93 -11.47
CA VAL A 138 12.62 -2.62 -11.75
C VAL A 138 13.03 -1.89 -10.48
N SER A 139 14.28 -1.44 -10.44
CA SER A 139 14.82 -0.71 -9.31
C SER A 139 14.29 0.72 -9.33
N TYR A 140 14.33 1.39 -8.17
CA TYR A 140 13.86 2.76 -8.07
C TYR A 140 14.63 3.69 -9.00
N GLU A 141 15.95 3.55 -9.02
CA GLU A 141 16.79 4.38 -9.87
C GLU A 141 16.51 4.17 -11.36
N GLU A 142 16.44 2.92 -11.79
CA GLU A 142 16.15 2.62 -13.18
C GLU A 142 14.78 3.24 -13.50
N TYR A 143 13.88 3.17 -12.53
CA TYR A 143 12.54 3.72 -12.66
C TYR A 143 12.57 5.23 -12.88
N LEU A 144 13.37 5.93 -12.10
CA LEU A 144 13.49 7.38 -12.20
C LEU A 144 14.00 7.79 -13.58
N CYS A 145 14.98 7.04 -14.10
CA CYS A 145 15.54 7.33 -15.43
C CYS A 145 14.51 7.03 -16.50
N MET A 146 13.90 5.85 -16.41
CA MET A 146 12.89 5.42 -17.38
C MET A 146 11.75 6.42 -17.49
N LYS A 147 11.24 6.89 -16.35
CA LYS A 147 10.15 7.85 -16.36
C LYS A 147 10.57 9.15 -17.02
N THR A 148 11.82 9.56 -16.80
CA THR A 148 12.34 10.78 -17.41
C THR A 148 12.35 10.59 -18.92
N LEU A 149 12.77 9.41 -19.37
CA LEU A 149 12.82 9.08 -20.78
C LEU A 149 11.43 9.09 -21.41
N LEU A 150 10.41 8.83 -20.59
CA LEU A 150 9.02 8.83 -21.06
C LEU A 150 8.59 10.24 -21.42
N LEU A 151 9.12 11.23 -20.70
CA LEU A 151 8.81 12.63 -20.95
C LEU A 151 9.36 13.00 -22.33
N LEU A 152 10.49 12.38 -22.69
CA LEU A 152 11.15 12.62 -23.95
C LEU A 152 10.94 11.45 -24.92
N SER A 153 9.79 10.79 -24.84
CA SER A 153 9.50 9.65 -25.69
C SER A 153 8.74 9.95 -26.97
N SER A 154 8.12 11.13 -27.05
CA SER A 154 7.37 11.50 -28.24
C SER A 154 7.51 12.97 -28.63
N VAL A 155 7.97 13.20 -29.85
CA VAL A 155 8.17 14.55 -30.37
C VAL A 155 7.34 14.74 -31.66
N PRO A 156 7.23 15.99 -32.13
CA PRO A 156 6.47 16.28 -33.35
C PRO A 156 7.10 15.65 -34.58
N LYS A 157 6.37 15.60 -35.70
CA LYS A 157 6.88 15.03 -36.93
C LYS A 157 7.92 15.93 -37.60
N ASP A 158 8.19 17.07 -36.99
CA ASP A 158 9.17 18.01 -37.51
C ASP A 158 10.13 18.40 -36.38
N GLY A 159 10.28 17.51 -35.41
CA GLY A 159 11.15 17.79 -34.29
C GLY A 159 10.62 18.93 -33.46
N LEU A 160 11.48 19.48 -32.61
CA LEU A 160 11.12 20.58 -31.74
C LEU A 160 11.96 21.80 -32.14
N LYS A 161 11.74 22.92 -31.45
CA LYS A 161 12.49 24.14 -31.75
C LYS A 161 13.90 24.10 -31.14
N SER A 162 14.17 23.05 -30.36
CA SER A 162 15.46 22.86 -29.72
C SER A 162 15.87 21.39 -29.84
N GLN A 163 15.57 20.79 -30.99
CA GLN A 163 15.89 19.38 -31.25
C GLN A 163 17.31 18.97 -30.87
N GLU A 164 18.30 19.70 -31.36
CA GLU A 164 19.70 19.40 -31.08
C GLU A 164 19.90 19.18 -29.58
N LEU A 165 19.32 20.08 -28.78
CA LEU A 165 19.43 19.99 -27.33
C LEU A 165 18.61 18.82 -26.79
N PHE A 166 17.44 18.59 -27.38
CA PHE A 166 16.55 17.50 -26.99
C PHE A 166 17.27 16.14 -27.05
N ASP A 167 17.76 15.78 -28.22
CA ASP A 167 18.46 14.53 -28.43
C ASP A 167 19.63 14.38 -27.46
N GLU A 168 20.25 15.50 -27.14
CA GLU A 168 21.39 15.54 -26.22
C GLU A 168 20.92 15.19 -24.80
N ILE A 169 19.77 15.71 -24.42
CA ILE A 169 19.19 15.45 -23.10
C ILE A 169 18.74 14.00 -23.02
N ARG A 170 18.08 13.54 -24.07
CA ARG A 170 17.57 12.17 -24.15
C ARG A 170 18.71 11.15 -24.07
N MET A 171 19.76 11.37 -24.84
CA MET A 171 20.90 10.46 -24.84
C MET A 171 21.54 10.47 -23.44
N THR A 172 21.52 11.63 -22.79
CA THR A 172 22.07 11.78 -21.46
C THR A 172 21.34 10.87 -20.46
N TYR A 173 20.02 10.78 -20.59
CA TYR A 173 19.23 9.95 -19.72
C TYR A 173 19.20 8.48 -20.13
N ILE A 174 19.49 8.21 -21.39
CA ILE A 174 19.56 6.82 -21.86
C ILE A 174 20.78 6.25 -21.16
N LYS A 175 21.86 7.03 -21.11
CA LYS A 175 23.09 6.63 -20.45
C LYS A 175 22.83 6.48 -18.96
N GLU A 176 22.07 7.40 -18.39
CA GLU A 176 21.72 7.38 -16.98
C GLU A 176 21.04 6.06 -16.64
N LEU A 177 20.14 5.62 -17.53
CA LEU A 177 19.43 4.36 -17.34
C LEU A 177 20.46 3.22 -17.31
N GLY A 178 21.43 3.28 -18.20
CA GLY A 178 22.46 2.26 -18.25
C GLY A 178 23.29 2.22 -16.98
N LYS A 179 23.54 3.39 -16.40
CA LYS A 179 24.31 3.48 -15.15
C LYS A 179 23.52 2.86 -14.00
N ALA A 180 22.19 3.02 -14.05
CA ALA A 180 21.32 2.47 -13.03
C ALA A 180 21.35 0.94 -13.10
N ILE A 181 21.30 0.41 -14.32
CA ILE A 181 21.33 -1.03 -14.55
C ILE A 181 22.64 -1.63 -14.03
N VAL A 182 23.75 -0.98 -14.34
CA VAL A 182 25.07 -1.44 -13.89
C VAL A 182 25.18 -1.37 -12.37
N LYS A 183 24.72 -0.27 -11.79
CA LYS A 183 24.75 -0.06 -10.35
C LYS A 183 23.97 -1.15 -9.62
N ARG A 184 22.78 -1.46 -10.14
CA ARG A 184 21.90 -2.46 -9.57
C ARG A 184 22.52 -3.86 -9.41
N GLU A 185 23.55 -4.15 -10.19
CA GLU A 185 24.19 -5.45 -10.13
C GLU A 185 25.71 -5.39 -10.26
N GLY A 186 26.35 -6.53 -10.02
CA GLY A 186 27.80 -6.60 -10.11
C GLY A 186 28.17 -7.39 -11.36
N ASN A 187 27.30 -8.34 -11.71
CA ASN A 187 27.49 -9.18 -12.88
C ASN A 187 27.13 -8.43 -14.16
N SER A 188 28.14 -8.11 -14.96
CA SER A 188 27.95 -7.39 -16.20
C SER A 188 27.50 -8.32 -17.34
N SER A 189 27.41 -9.61 -17.05
CA SER A 189 27.00 -10.60 -18.04
C SER A 189 25.71 -10.20 -18.77
N GLN A 190 24.65 -9.96 -18.02
CA GLN A 190 23.38 -9.57 -18.61
C GLN A 190 23.00 -8.11 -18.42
N ASN A 191 23.99 -7.22 -18.52
CA ASN A 191 23.74 -5.79 -18.39
C ASN A 191 22.98 -5.30 -19.62
N TRP A 192 23.44 -5.75 -20.79
CA TRP A 192 22.82 -5.38 -22.05
C TRP A 192 21.48 -6.07 -22.26
N GLN A 193 21.32 -7.24 -21.66
CA GLN A 193 20.07 -7.97 -21.78
C GLN A 193 18.98 -7.22 -21.02
N ARG A 194 19.33 -6.71 -19.84
CA ARG A 194 18.38 -5.96 -19.03
C ARG A 194 18.06 -4.63 -19.69
N PHE A 195 19.07 -4.00 -20.29
CA PHE A 195 18.87 -2.72 -20.97
C PHE A 195 17.86 -2.92 -22.09
N TYR A 196 17.92 -4.08 -22.74
CA TYR A 196 16.99 -4.40 -23.81
C TYR A 196 15.56 -4.52 -23.30
N GLN A 197 15.41 -5.22 -22.17
CA GLN A 197 14.10 -5.42 -21.56
C GLN A 197 13.48 -4.10 -21.14
N LEU A 198 14.23 -3.32 -20.35
CA LEU A 198 13.74 -2.03 -19.87
C LEU A 198 13.37 -1.09 -21.01
N THR A 199 14.26 -0.97 -21.99
CA THR A 199 14.00 -0.12 -23.14
C THR A 199 12.83 -0.64 -23.96
N LYS A 200 12.65 -1.96 -23.96
CA LYS A 200 11.55 -2.58 -24.68
C LYS A 200 10.25 -2.18 -24.00
N LEU A 201 10.26 -2.15 -22.67
CA LEU A 201 9.09 -1.77 -21.88
C LEU A 201 8.72 -0.33 -22.21
N LEU A 202 9.72 0.54 -22.28
CA LEU A 202 9.48 1.94 -22.60
C LEU A 202 8.73 2.03 -23.93
N ASP A 203 9.21 1.29 -24.93
CA ASP A 203 8.58 1.27 -26.24
C ASP A 203 7.12 0.85 -26.16
N SER A 204 6.83 -0.15 -25.32
CA SER A 204 5.47 -0.64 -25.16
C SER A 204 4.54 0.38 -24.52
N MET A 205 5.11 1.36 -23.81
CA MET A 205 4.30 2.41 -23.17
C MET A 205 3.47 3.15 -24.21
N HIS A 206 4.03 3.35 -25.40
CA HIS A 206 3.32 4.03 -26.47
C HIS A 206 2.01 3.30 -26.77
N GLU A 207 2.10 1.97 -26.81
CA GLU A 207 0.96 1.11 -27.09
C GLU A 207 -0.10 1.13 -25.98
N VAL A 208 0.32 1.24 -24.72
CA VAL A 208 -0.62 1.28 -23.61
C VAL A 208 -1.21 2.69 -23.48
N VAL A 209 -0.40 3.70 -23.77
CA VAL A 209 -0.84 5.08 -23.72
C VAL A 209 -1.96 5.29 -24.72
N GLU A 210 -1.77 4.76 -25.92
CA GLU A 210 -2.77 4.86 -26.98
C GLU A 210 -4.11 4.35 -26.50
N ASN A 211 -4.14 3.17 -25.89
CA ASN A 211 -5.37 2.60 -25.39
C ASN A 211 -5.98 3.43 -24.25
N LEU A 212 -5.15 3.82 -23.29
CA LEU A 212 -5.62 4.63 -22.17
C LEU A 212 -6.15 5.98 -22.68
N LEU A 213 -5.47 6.51 -23.70
CA LEU A 213 -5.83 7.80 -24.28
C LEU A 213 -7.13 7.74 -25.08
N ASN A 214 -7.30 6.69 -25.89
CA ASN A 214 -8.53 6.54 -26.66
C ASN A 214 -9.69 6.50 -25.67
N TYR A 215 -9.47 5.82 -24.55
CA TYR A 215 -10.47 5.69 -23.51
C TYR A 215 -10.61 6.99 -22.72
N CYS A 216 -9.61 7.86 -22.81
CA CYS A 216 -9.64 9.15 -22.11
C CYS A 216 -10.43 10.18 -22.92
N PHE A 217 -10.27 10.14 -24.24
CA PHE A 217 -10.98 11.07 -25.12
C PHE A 217 -12.44 10.70 -25.24
N GLN A 218 -12.70 9.41 -25.45
CA GLN A 218 -14.07 8.90 -25.59
C GLN A 218 -14.94 9.25 -24.38
N THR A 219 -14.34 9.29 -23.20
CA THR A 219 -15.06 9.62 -21.98
C THR A 219 -15.23 11.13 -21.87
N PHE A 220 -14.14 11.85 -22.16
CA PHE A 220 -14.13 13.31 -22.10
C PHE A 220 -15.24 13.87 -23.01
N LEU A 221 -15.35 13.31 -24.21
CA LEU A 221 -16.34 13.72 -25.18
C LEU A 221 -17.58 12.85 -25.07
N ASP A 222 -18.30 13.00 -23.97
CA ASP A 222 -19.51 12.23 -23.74
C ASP A 222 -20.18 12.72 -22.46
N LYS A 223 -20.89 13.84 -22.57
CA LYS A 223 -21.59 14.41 -21.41
C LYS A 223 -22.60 13.41 -20.86
N THR A 224 -23.06 12.51 -21.72
CA THR A 224 -24.02 11.48 -21.33
C THR A 224 -23.45 10.64 -20.20
N MET A 225 -22.13 10.41 -20.24
CA MET A 225 -21.43 9.64 -19.22
C MET A 225 -21.23 10.43 -17.93
N SER A 226 -21.30 11.75 -18.01
CA SER A 226 -21.12 12.61 -16.85
C SER A 226 -19.94 12.21 -15.99
N ILE A 227 -18.74 12.46 -16.51
CA ILE A 227 -17.50 12.15 -15.82
C ILE A 227 -16.58 13.35 -15.99
N GLU A 228 -16.48 14.15 -14.93
CA GLU A 228 -15.68 15.36 -14.93
C GLU A 228 -14.17 15.21 -15.03
N PHE A 229 -13.56 16.21 -15.65
CA PHE A 229 -12.11 16.29 -15.80
C PHE A 229 -11.75 17.66 -15.23
N PRO A 230 -10.66 17.76 -14.47
CA PRO A 230 -10.30 19.06 -13.91
C PRO A 230 -9.87 20.04 -14.98
N GLU A 231 -9.58 21.28 -14.57
CA GLU A 231 -9.16 22.32 -15.48
C GLU A 231 -7.91 21.88 -16.25
N MET A 232 -6.90 21.43 -15.50
CA MET A 232 -5.63 20.98 -16.07
C MET A 232 -5.78 19.94 -17.17
N LEU A 233 -6.40 18.82 -16.85
CA LEU A 233 -6.59 17.76 -17.84
C LEU A 233 -7.46 18.18 -19.02
N ALA A 234 -8.56 18.87 -18.72
CA ALA A 234 -9.47 19.32 -19.77
C ALA A 234 -8.74 20.04 -20.90
N GLU A 235 -7.94 21.05 -20.56
CA GLU A 235 -7.20 21.80 -21.56
C GLU A 235 -6.21 20.95 -22.35
N ILE A 236 -5.57 20.00 -21.69
CA ILE A 236 -4.60 19.13 -22.36
C ILE A 236 -5.29 18.12 -23.27
N ILE A 237 -6.45 17.62 -22.85
CA ILE A 237 -7.19 16.66 -23.67
C ILE A 237 -7.75 17.36 -24.91
N THR A 238 -8.39 18.50 -24.71
CA THR A 238 -8.93 19.26 -25.85
C THR A 238 -7.76 19.69 -26.74
N ASN A 239 -6.60 19.89 -26.12
CA ASN A 239 -5.39 20.29 -26.82
C ASN A 239 -4.93 19.22 -27.80
N GLN A 240 -4.55 18.07 -27.25
CA GLN A 240 -4.06 16.94 -28.03
C GLN A 240 -5.10 16.20 -28.85
N ILE A 241 -6.33 16.11 -28.33
CA ILE A 241 -7.41 15.39 -29.01
C ILE A 241 -7.45 15.51 -30.54
N PRO A 242 -7.19 16.71 -31.11
CA PRO A 242 -7.26 16.75 -32.58
C PRO A 242 -6.10 16.02 -33.26
N LYS A 243 -4.88 16.37 -32.89
CA LYS A 243 -3.69 15.77 -33.51
C LYS A 243 -3.28 14.39 -32.99
N TYR A 244 -3.91 13.90 -31.94
CA TYR A 244 -3.57 12.57 -31.42
C TYR A 244 -4.39 11.53 -32.18
N SER A 245 -4.55 11.76 -33.48
CA SER A 245 -5.33 10.88 -34.35
C SER A 245 -4.89 10.97 -35.81
N ASN A 246 -4.75 12.19 -36.32
CA ASN A 246 -4.38 12.42 -37.72
C ASN A 246 -2.97 11.94 -38.09
N GLY A 247 -2.10 11.81 -37.10
CA GLY A 247 -0.74 11.38 -37.36
C GLY A 247 0.19 12.58 -37.44
N ASN A 248 0.30 13.28 -36.31
CA ASN A 248 1.14 14.47 -36.21
C ASN A 248 2.34 14.21 -35.29
N ILE A 249 2.17 13.25 -34.38
CA ILE A 249 3.21 12.91 -33.41
C ILE A 249 4.06 11.73 -33.86
N LYS A 250 5.36 11.85 -33.61
CA LYS A 250 6.33 10.82 -33.95
C LYS A 250 6.76 10.10 -32.66
N LYS A 251 6.41 8.83 -32.55
CA LYS A 251 6.74 8.05 -31.36
C LYS A 251 8.15 7.47 -31.45
N LEU A 252 9.03 7.96 -30.59
CA LEU A 252 10.41 7.49 -30.54
C LEU A 252 10.50 6.12 -29.91
N LEU A 253 11.25 5.23 -30.54
CA LEU A 253 11.40 3.86 -30.06
C LEU A 253 12.87 3.47 -29.95
N PHE A 254 13.16 2.61 -28.96
CA PHE A 254 14.51 2.12 -28.76
C PHE A 254 14.76 0.94 -29.70
N HIS A 255 13.69 0.23 -30.03
CA HIS A 255 13.77 -0.92 -30.92
C HIS A 255 12.70 -0.79 -31.99
N GLN A 256 13.06 -1.12 -33.23
CA GLN A 256 12.12 -1.04 -34.34
C GLN A 256 11.31 -2.33 -34.52
N LYS A 257 11.98 -3.40 -34.92
CA LYS A 257 11.34 -4.69 -35.14
C LYS A 257 10.05 -4.57 -35.93
N PRO B 1 3.60 28.83 -42.62
CA PRO B 1 2.35 28.04 -42.72
C PRO B 1 1.31 28.61 -41.76
N VAL B 2 1.08 27.90 -40.66
CA VAL B 2 0.12 28.31 -39.64
C VAL B 2 0.32 27.51 -38.36
N SER B 3 0.48 28.23 -37.25
CA SER B 3 0.65 27.61 -35.95
C SER B 3 -0.69 27.79 -35.23
N PRO B 4 -1.61 26.82 -35.40
CA PRO B 4 -2.94 26.84 -34.80
C PRO B 4 -2.96 26.61 -33.29
N LYS B 5 -1.79 26.37 -32.71
CA LYS B 5 -1.68 26.12 -31.28
C LYS B 5 -2.07 27.31 -30.42
N LYS B 6 -2.07 28.50 -31.03
CA LYS B 6 -2.42 29.74 -30.33
C LYS B 6 -3.76 29.70 -29.60
N LYS B 7 -3.70 29.42 -28.29
CA LYS B 7 -4.86 29.33 -27.40
C LYS B 7 -4.67 28.18 -26.42
N GLU B 8 -4.79 26.98 -26.96
CA GLU B 8 -4.70 25.73 -26.25
C GLU B 8 -3.72 25.58 -25.09
N ASN B 9 -4.24 25.80 -23.89
CA ASN B 9 -3.48 25.65 -22.65
C ASN B 9 -2.55 26.79 -22.24
N ALA B 10 -3.11 27.95 -21.90
CA ALA B 10 -2.30 29.07 -21.45
C ALA B 10 -1.96 28.80 -19.99
N LEU B 11 -2.64 27.81 -19.41
CA LEU B 11 -2.45 27.40 -18.02
C LEU B 11 -1.09 26.72 -17.83
N LEU B 12 -0.75 25.81 -18.75
CA LEU B 12 0.52 25.10 -18.68
C LEU B 12 1.64 26.09 -18.96
N ARG B 13 1.48 26.88 -20.01
CA ARG B 13 2.47 27.89 -20.39
C ARG B 13 2.75 28.74 -19.15
N TYR B 14 1.68 29.19 -18.49
CA TYR B 14 1.80 29.99 -17.29
C TYR B 14 2.57 29.23 -16.20
N LEU B 15 2.19 27.98 -15.99
CA LEU B 15 2.81 27.13 -14.98
C LEU B 15 4.31 26.86 -15.16
N LEU B 16 4.77 26.88 -16.40
CA LEU B 16 6.18 26.61 -16.70
C LEU B 16 7.13 27.82 -16.64
N ASP B 17 6.64 28.98 -16.21
CA ASP B 17 7.49 30.18 -16.18
C ASP B 17 7.59 31.00 -14.89
N LYS B 18 8.07 30.41 -13.79
CA LYS B 18 8.19 31.15 -12.51
C LYS B 18 8.31 30.31 -11.24
N ASP B 19 9.52 29.92 -10.84
CA ASP B 19 9.62 29.08 -9.63
C ASP B 19 10.59 29.47 -8.51
N ASP B 20 11.29 30.60 -8.64
CA ASP B 20 12.25 31.00 -7.61
C ASP B 20 11.85 30.76 -6.15
N THR B 21 11.28 31.77 -5.50
CA THR B 21 10.88 31.69 -4.09
C THR B 21 12.04 31.30 -3.18
N LEU C 5 2.73 -32.23 -10.20
CA LEU C 5 2.67 -31.57 -8.85
C LEU C 5 1.25 -31.56 -8.28
N PRO C 6 0.84 -32.66 -7.63
CA PRO C 6 -0.50 -32.70 -7.05
C PRO C 6 -0.52 -33.21 -5.60
N GLN C 7 -0.45 -32.31 -4.62
CA GLN C 7 -0.49 -32.77 -3.24
C GLN C 7 -1.90 -33.19 -2.81
N LEU C 8 -2.90 -32.42 -3.23
CA LEU C 8 -4.29 -32.72 -2.90
C LEU C 8 -4.47 -33.28 -1.50
N THR C 9 -3.94 -32.56 -0.52
CA THR C 9 -4.02 -32.94 0.87
C THR C 9 -3.69 -31.66 1.64
N PRO C 10 -4.60 -31.23 2.54
CA PRO C 10 -4.35 -30.01 3.31
C PRO C 10 -3.42 -30.15 4.49
N THR C 11 -2.54 -29.16 4.66
CA THR C 11 -1.61 -29.13 5.78
C THR C 11 -2.22 -28.16 6.79
N LEU C 12 -1.72 -28.19 8.02
CA LEU C 12 -2.24 -27.30 9.05
C LEU C 12 -2.06 -25.82 8.68
N VAL C 13 -0.93 -25.49 8.06
CA VAL C 13 -0.65 -24.12 7.66
C VAL C 13 -1.40 -23.74 6.38
N SER C 14 -1.73 -24.72 5.57
CA SER C 14 -2.45 -24.50 4.33
C SER C 14 -3.89 -24.08 4.63
N LEU C 15 -4.46 -24.67 5.68
CA LEU C 15 -5.81 -24.37 6.10
C LEU C 15 -5.84 -23.04 6.84
N LEU C 16 -4.73 -22.72 7.52
CA LEU C 16 -4.60 -21.49 8.28
C LEU C 16 -4.59 -20.28 7.33
N GLU C 17 -4.16 -20.51 6.10
CA GLU C 17 -4.09 -19.46 5.08
C GLU C 17 -5.41 -19.16 4.39
N VAL C 18 -6.16 -20.22 4.05
CA VAL C 18 -7.45 -20.04 3.38
C VAL C 18 -8.51 -19.45 4.30
N ILE C 19 -8.30 -19.55 5.61
CA ILE C 19 -9.25 -19.01 6.58
C ILE C 19 -8.87 -17.59 7.00
N GLU C 20 -7.68 -17.15 6.60
CA GLU C 20 -7.21 -15.81 6.93
C GLU C 20 -8.22 -14.82 6.37
N PRO C 21 -8.86 -14.04 7.25
CA PRO C 21 -9.85 -13.06 6.78
C PRO C 21 -9.22 -12.03 5.84
N GLU C 22 -9.99 -11.62 4.83
CA GLU C 22 -9.51 -10.65 3.86
C GLU C 22 -9.54 -9.25 4.46
N VAL C 23 -8.63 -8.39 4.02
CA VAL C 23 -8.55 -7.03 4.52
C VAL C 23 -9.83 -6.26 4.25
N LEU C 24 -10.28 -5.52 5.26
CA LEU C 24 -11.49 -4.73 5.18
C LEU C 24 -11.15 -3.25 5.25
N TYR C 25 -11.95 -2.43 4.58
CA TYR C 25 -11.73 -0.99 4.55
C TYR C 25 -12.56 -0.27 5.62
N ALA C 26 -12.06 0.87 6.07
CA ALA C 26 -12.74 1.64 7.11
C ALA C 26 -13.86 2.57 6.60
N GLY C 27 -14.02 2.67 5.29
CA GLY C 27 -15.05 3.55 4.76
C GLY C 27 -14.90 4.92 5.39
N TYR C 28 -13.68 5.44 5.35
CA TYR C 28 -13.35 6.73 5.93
C TYR C 28 -13.49 7.83 4.88
N ASP C 29 -14.15 8.92 5.26
CA ASP C 29 -14.33 10.04 4.35
C ASP C 29 -13.10 10.94 4.47
N SER C 30 -12.20 10.86 3.50
CA SER C 30 -11.00 11.68 3.52
C SER C 30 -11.11 12.88 2.60
N SER C 31 -12.35 13.22 2.22
CA SER C 31 -12.58 14.39 1.35
C SER C 31 -12.73 15.64 2.20
N VAL C 32 -12.58 15.48 3.51
CA VAL C 32 -12.65 16.58 4.46
C VAL C 32 -11.47 16.45 5.40
N PRO C 33 -10.95 17.57 5.91
CA PRO C 33 -9.81 17.58 6.83
C PRO C 33 -9.83 16.49 7.90
N ASP C 34 -8.65 15.98 8.23
CA ASP C 34 -8.52 14.94 9.25
C ASP C 34 -8.53 15.58 10.63
N SER C 35 -8.36 14.74 11.65
CA SER C 35 -8.33 15.17 13.04
C SER C 35 -8.14 13.91 13.86
N THR C 36 -7.22 13.97 14.81
CA THR C 36 -6.95 12.83 15.68
C THR C 36 -8.25 12.13 16.08
N TRP C 37 -9.16 12.89 16.68
CA TRP C 37 -10.44 12.37 17.14
C TRP C 37 -11.19 11.51 16.12
N ARG C 38 -11.35 12.00 14.90
CA ARG C 38 -12.08 11.29 13.87
C ARG C 38 -11.40 10.01 13.40
N ILE C 39 -10.08 10.05 13.27
CA ILE C 39 -9.32 8.89 12.83
C ILE C 39 -9.35 7.75 13.86
N MET C 40 -9.07 8.07 15.12
CA MET C 40 -9.08 7.06 16.16
C MET C 40 -10.47 6.42 16.24
N THR C 41 -11.50 7.24 16.06
CA THR C 41 -12.88 6.77 16.08
C THR C 41 -13.20 5.83 14.93
N THR C 42 -12.71 6.16 13.73
CA THR C 42 -12.94 5.31 12.57
C THR C 42 -12.18 4.00 12.72
N LEU C 43 -10.96 4.09 13.27
CA LEU C 43 -10.15 2.91 13.48
C LEU C 43 -10.79 1.99 14.51
N ASN C 44 -11.43 2.58 15.53
CA ASN C 44 -12.11 1.79 16.54
C ASN C 44 -13.26 1.02 15.88
N MET C 45 -14.02 1.71 15.04
CA MET C 45 -15.13 1.10 14.33
C MET C 45 -14.58 -0.08 13.53
N LEU C 46 -13.43 0.15 12.88
CA LEU C 46 -12.77 -0.88 12.09
C LEU C 46 -12.29 -2.01 13.00
N GLY C 47 -11.86 -1.65 14.21
CA GLY C 47 -11.39 -2.64 15.16
C GLY C 47 -12.49 -3.62 15.53
N GLY C 48 -13.69 -3.11 15.77
CA GLY C 48 -14.79 -3.97 16.12
C GLY C 48 -15.10 -4.95 15.01
N ARG C 49 -15.13 -4.45 13.78
CA ARG C 49 -15.41 -5.30 12.62
C ARG C 49 -14.31 -6.33 12.41
N GLN C 50 -13.08 -5.96 12.73
CA GLN C 50 -11.94 -6.87 12.58
C GLN C 50 -11.98 -7.97 13.65
N VAL C 51 -12.35 -7.59 14.87
CA VAL C 51 -12.45 -8.56 15.96
C VAL C 51 -13.57 -9.55 15.65
N ILE C 52 -14.67 -9.03 15.10
CA ILE C 52 -15.81 -9.86 14.73
C ILE C 52 -15.33 -10.88 13.70
N ALA C 53 -14.52 -10.43 12.74
CA ALA C 53 -13.96 -11.29 11.71
C ALA C 53 -12.96 -12.25 12.35
N ALA C 54 -12.27 -11.78 13.38
CA ALA C 54 -11.29 -12.57 14.11
C ALA C 54 -11.96 -13.74 14.81
N VAL C 55 -13.24 -13.56 15.18
CA VAL C 55 -13.99 -14.61 15.85
C VAL C 55 -14.25 -15.76 14.90
N LYS C 56 -14.74 -15.46 13.69
CA LYS C 56 -14.98 -16.51 12.71
C LYS C 56 -13.66 -17.20 12.36
N TRP C 57 -12.59 -16.41 12.33
CA TRP C 57 -11.25 -16.90 12.04
C TRP C 57 -10.80 -17.91 13.10
N ALA C 58 -10.89 -17.50 14.37
CA ALA C 58 -10.50 -18.35 15.49
C ALA C 58 -11.29 -19.65 15.50
N LYS C 59 -12.57 -19.55 15.16
CA LYS C 59 -13.46 -20.72 15.13
C LYS C 59 -13.08 -21.72 14.03
N ALA C 60 -12.43 -21.23 12.98
CA ALA C 60 -12.01 -22.09 11.88
C ALA C 60 -10.65 -22.74 12.14
N ILE C 61 -9.95 -22.23 13.16
CA ILE C 61 -8.65 -22.77 13.52
C ILE C 61 -8.81 -24.17 14.08
N PRO C 62 -8.18 -25.16 13.44
CA PRO C 62 -8.24 -26.57 13.87
C PRO C 62 -7.98 -26.74 15.36
N GLY C 63 -8.97 -27.27 16.08
CA GLY C 63 -8.81 -27.49 17.51
C GLY C 63 -9.33 -26.41 18.44
N PHE C 64 -9.53 -25.20 17.93
CA PHE C 64 -10.01 -24.11 18.77
C PHE C 64 -11.44 -24.34 19.28
N ARG C 65 -12.34 -24.71 18.37
CA ARG C 65 -13.73 -24.94 18.74
C ARG C 65 -13.95 -26.05 19.76
N ASN C 66 -13.05 -27.02 19.82
CA ASN C 66 -13.20 -28.12 20.77
C ASN C 66 -12.66 -27.84 22.16
N LEU C 67 -12.42 -26.57 22.46
CA LEU C 67 -11.95 -26.15 23.78
C LEU C 67 -13.24 -25.68 24.45
N HIS C 68 -13.25 -25.60 25.77
CA HIS C 68 -14.45 -25.14 26.46
C HIS C 68 -14.84 -23.80 25.84
N LEU C 69 -16.14 -23.53 25.75
CA LEU C 69 -16.60 -22.28 25.16
C LEU C 69 -16.08 -21.07 25.95
N ASP C 70 -16.05 -21.20 27.28
CA ASP C 70 -15.58 -20.15 28.16
C ASP C 70 -14.13 -19.78 27.82
N ASP C 71 -13.31 -20.79 27.53
CA ASP C 71 -11.92 -20.56 27.17
C ASP C 71 -11.81 -19.89 25.80
N GLN C 72 -12.73 -20.21 24.90
CA GLN C 72 -12.73 -19.62 23.57
C GLN C 72 -12.89 -18.10 23.72
N MET C 73 -13.75 -17.70 24.66
CA MET C 73 -13.98 -16.29 24.92
C MET C 73 -12.79 -15.67 25.65
N THR C 74 -12.21 -16.44 26.56
CA THR C 74 -11.07 -15.99 27.34
C THR C 74 -9.90 -15.65 26.44
N LEU C 75 -9.56 -16.57 25.54
CA LEU C 75 -8.44 -16.37 24.61
C LEU C 75 -8.64 -15.15 23.71
N LEU C 76 -9.82 -15.02 23.13
CA LEU C 76 -10.12 -13.88 22.26
C LEU C 76 -10.12 -12.57 23.03
N GLN C 77 -10.51 -12.62 24.29
CA GLN C 77 -10.54 -11.43 25.15
C GLN C 77 -9.13 -11.04 25.58
N TYR C 78 -8.32 -12.06 25.88
CA TYR C 78 -6.95 -11.87 26.33
C TYR C 78 -5.94 -11.55 25.22
N SER C 79 -6.35 -11.67 23.96
CA SER C 79 -5.43 -11.40 22.87
C SER C 79 -5.99 -10.68 21.65
N TRP C 80 -7.12 -9.99 21.79
CA TRP C 80 -7.69 -9.29 20.65
C TRP C 80 -6.79 -8.15 20.18
N MET C 81 -6.09 -7.51 21.12
CA MET C 81 -5.20 -6.41 20.78
C MET C 81 -3.94 -6.90 20.09
N SER C 82 -3.42 -8.04 20.55
CA SER C 82 -2.22 -8.62 19.96
C SER C 82 -2.50 -9.05 18.52
N LEU C 83 -3.63 -9.74 18.33
CA LEU C 83 -4.03 -10.20 17.01
C LEU C 83 -4.16 -9.06 16.01
N MET C 84 -4.84 -7.99 16.42
CA MET C 84 -5.06 -6.85 15.55
C MET C 84 -3.77 -6.06 15.31
N ALA C 85 -2.99 -5.86 16.37
CA ALA C 85 -1.73 -5.13 16.25
C ALA C 85 -0.77 -5.88 15.34
N PHE C 86 -0.74 -7.20 15.46
CA PHE C 86 0.13 -8.04 14.65
C PHE C 86 -0.32 -8.00 13.20
N ALA C 87 -1.62 -8.08 12.96
CA ALA C 87 -2.17 -8.05 11.62
C ALA C 87 -1.84 -6.70 10.98
N LEU C 88 -2.01 -5.63 11.74
CA LEU C 88 -1.72 -4.28 11.29
C LEU C 88 -0.25 -4.18 10.87
N GLY C 89 0.64 -4.60 11.77
CA GLY C 89 2.06 -4.55 11.47
C GLY C 89 2.38 -5.31 10.19
N TRP C 90 1.70 -6.44 10.00
CA TRP C 90 1.90 -7.26 8.82
C TRP C 90 1.59 -6.49 7.54
N ARG C 91 0.39 -5.91 7.48
CA ARG C 91 -0.02 -5.16 6.30
C ARG C 91 0.85 -3.92 6.05
N SER C 92 1.32 -3.29 7.13
CA SER C 92 2.17 -2.11 7.00
C SER C 92 3.51 -2.50 6.39
N TYR C 93 4.09 -3.58 6.92
CA TYR C 93 5.38 -4.10 6.45
C TYR C 93 5.29 -4.52 4.99
N ARG C 94 4.16 -5.12 4.62
CA ARG C 94 3.93 -5.59 3.26
C ARG C 94 3.65 -4.47 2.27
N GLN C 95 2.78 -3.55 2.65
CA GLN C 95 2.38 -2.43 1.81
C GLN C 95 3.43 -1.33 1.64
N SER C 96 4.13 -1.00 2.72
CA SER C 96 5.13 0.07 2.64
C SER C 96 6.42 -0.17 3.43
N SER C 97 6.86 -1.42 3.52
CA SER C 97 8.09 -1.75 4.23
C SER C 97 8.13 -1.24 5.67
N ALA C 98 6.97 -1.20 6.33
CA ALA C 98 6.86 -0.75 7.72
C ALA C 98 7.14 0.74 7.91
N ASN C 99 6.91 1.54 6.87
CA ASN C 99 7.12 2.98 6.95
C ASN C 99 5.80 3.67 7.31
N LEU C 100 4.70 3.12 6.79
CA LEU C 100 3.37 3.66 7.03
C LEU C 100 2.46 2.61 7.65
N LEU C 101 1.68 3.00 8.64
CA LEU C 101 0.75 2.06 9.27
C LEU C 101 -0.45 1.94 8.34
N CYS C 102 -0.62 0.75 7.78
CA CYS C 102 -1.72 0.50 6.84
C CYS C 102 -2.87 -0.23 7.52
N PHE C 103 -3.62 0.50 8.34
CA PHE C 103 -4.78 -0.03 9.05
C PHE C 103 -5.74 -0.73 8.10
N ALA C 104 -5.78 -0.23 6.87
CA ALA C 104 -6.60 -0.77 5.80
C ALA C 104 -6.04 -0.02 4.60
N PRO C 105 -5.72 -0.73 3.51
CA PRO C 105 -5.17 -0.11 2.30
C PRO C 105 -5.76 1.22 1.82
N ASP C 106 -6.96 1.58 2.27
CA ASP C 106 -7.54 2.86 1.87
C ASP C 106 -7.37 3.93 2.96
N LEU C 107 -7.07 3.49 4.18
CA LEU C 107 -6.86 4.38 5.32
C LEU C 107 -5.46 4.15 5.88
N ILE C 108 -4.49 4.94 5.41
CA ILE C 108 -3.11 4.81 5.87
C ILE C 108 -2.65 6.06 6.60
N ILE C 109 -1.96 5.88 7.72
CA ILE C 109 -1.46 7.01 8.49
C ILE C 109 -0.15 7.51 7.89
N ASN C 110 -0.27 8.50 7.01
CA ASN C 110 0.87 9.11 6.34
C ASN C 110 1.63 9.99 7.33
N GLU C 111 2.73 10.57 6.87
CA GLU C 111 3.55 11.44 7.71
C GLU C 111 2.74 12.62 8.26
N GLN C 112 1.87 13.18 7.42
CA GLN C 112 1.04 14.32 7.82
C GLN C 112 0.13 13.97 9.00
N ARG C 113 -0.56 12.83 8.90
CA ARG C 113 -1.46 12.37 9.96
C ARG C 113 -0.67 11.91 11.18
N MET C 114 0.53 11.38 10.94
CA MET C 114 1.39 10.89 12.01
C MET C 114 1.81 12.00 12.98
N THR C 115 1.79 13.24 12.52
CA THR C 115 2.17 14.37 13.36
C THR C 115 1.02 15.04 14.10
N LEU C 116 -0.19 14.51 13.95
CA LEU C 116 -1.35 15.08 14.64
C LEU C 116 -1.12 15.07 16.14
N PRO C 117 -1.82 15.96 16.88
CA PRO C 117 -1.76 16.14 18.34
C PRO C 117 -1.41 14.95 19.24
N CYS C 118 -1.89 13.75 18.92
CA CYS C 118 -1.59 12.59 19.74
C CYS C 118 -1.33 11.30 18.96
N MET C 119 -1.23 11.40 17.64
CA MET C 119 -1.03 10.24 16.80
C MET C 119 0.21 9.37 17.06
N TYR C 120 1.39 9.99 17.13
CA TYR C 120 2.62 9.23 17.34
C TYR C 120 2.78 8.53 18.68
N ASP C 121 2.35 9.19 19.75
CA ASP C 121 2.44 8.64 21.11
C ASP C 121 1.93 7.20 21.15
N GLN C 122 0.87 6.96 20.38
CA GLN C 122 0.23 5.65 20.33
C GLN C 122 0.62 4.78 19.15
N CYS C 123 0.88 5.38 17.99
CA CYS C 123 1.25 4.62 16.80
C CYS C 123 2.67 4.07 16.84
N LYS C 124 3.55 4.68 17.63
CA LYS C 124 4.94 4.24 17.71
C LYS C 124 5.09 2.74 18.01
N HIS C 125 4.22 2.20 18.83
CA HIS C 125 4.30 0.78 19.17
C HIS C 125 3.75 -0.10 18.07
N MET C 126 2.76 0.40 17.35
CA MET C 126 2.19 -0.33 16.21
C MET C 126 3.30 -0.40 15.17
N LEU C 127 4.00 0.72 14.99
CA LEU C 127 5.11 0.82 14.04
C LEU C 127 6.21 -0.16 14.45
N TYR C 128 6.40 -0.33 15.75
CA TYR C 128 7.41 -1.24 16.27
C TYR C 128 7.28 -2.64 15.68
N VAL C 129 6.11 -3.24 15.83
CA VAL C 129 5.85 -4.58 15.32
C VAL C 129 6.00 -4.62 13.80
N SER C 130 5.54 -3.57 13.12
CA SER C 130 5.64 -3.50 11.67
C SER C 130 7.12 -3.50 11.27
N SER C 131 7.91 -2.73 12.00
CA SER C 131 9.35 -2.63 11.75
C SER C 131 10.02 -3.99 11.90
N GLU C 132 9.70 -4.68 12.99
CA GLU C 132 10.28 -6.00 13.26
C GLU C 132 9.98 -7.03 12.18
N LEU C 133 8.76 -7.01 11.65
CA LEU C 133 8.39 -7.95 10.60
C LEU C 133 9.23 -7.68 9.35
N HIS C 134 9.53 -6.40 9.10
CA HIS C 134 10.34 -6.01 7.96
C HIS C 134 11.79 -6.42 8.20
N ARG C 135 12.31 -6.12 9.39
CA ARG C 135 13.67 -6.45 9.77
C ARG C 135 13.93 -7.93 9.54
N LEU C 136 13.10 -8.77 10.15
CA LEU C 136 13.22 -10.22 10.05
C LEU C 136 12.75 -10.78 8.71
N GLN C 137 12.13 -9.95 7.87
CA GLN C 137 11.64 -10.43 6.58
C GLN C 137 10.79 -11.67 6.80
N VAL C 138 9.73 -11.53 7.60
CA VAL C 138 8.85 -12.64 7.91
C VAL C 138 8.02 -13.06 6.71
N SER C 139 7.99 -14.36 6.43
CA SER C 139 7.23 -14.90 5.31
C SER C 139 5.76 -15.00 5.70
N TYR C 140 4.92 -15.32 4.72
CA TYR C 140 3.49 -15.44 4.97
C TYR C 140 3.14 -16.59 5.92
N GLU C 141 3.72 -17.75 5.68
CA GLU C 141 3.46 -18.91 6.53
C GLU C 141 3.91 -18.69 7.97
N GLU C 142 5.11 -18.14 8.14
CA GLU C 142 5.63 -17.87 9.48
C GLU C 142 4.64 -16.91 10.18
N TYR C 143 4.22 -15.89 9.45
CA TYR C 143 3.29 -14.90 9.96
C TYR C 143 1.98 -15.54 10.43
N LEU C 144 1.44 -16.45 9.61
CA LEU C 144 0.20 -17.14 9.93
C LEU C 144 0.31 -17.94 11.24
N CYS C 145 1.37 -18.73 11.35
CA CYS C 145 1.59 -19.55 12.54
C CYS C 145 1.75 -18.66 13.78
N MET C 146 2.56 -17.61 13.66
CA MET C 146 2.80 -16.70 14.77
C MET C 146 1.52 -16.05 15.26
N LYS C 147 0.69 -15.57 14.32
CA LYS C 147 -0.57 -14.93 14.69
C LYS C 147 -1.46 -15.89 15.48
N THR C 148 -1.52 -17.15 15.04
CA THR C 148 -2.31 -18.15 15.74
C THR C 148 -1.77 -18.27 17.15
N LEU C 149 -0.44 -18.27 17.27
CA LEU C 149 0.24 -18.37 18.55
C LEU C 149 -0.13 -17.23 19.50
N LEU C 150 -0.32 -16.03 18.96
CA LEU C 150 -0.70 -14.89 19.78
C LEU C 150 -2.07 -15.11 20.41
N LEU C 151 -2.93 -15.84 19.72
CA LEU C 151 -4.26 -16.15 20.22
C LEU C 151 -4.12 -17.05 21.44
N LEU C 152 -3.01 -17.78 21.49
CA LEU C 152 -2.70 -18.70 22.59
C LEU C 152 -1.45 -18.20 23.33
N SER C 153 -1.23 -16.89 23.32
CA SER C 153 -0.06 -16.31 23.97
C SER C 153 -0.22 -16.07 25.47
N SER C 154 -1.47 -16.08 25.95
CA SER C 154 -1.71 -15.86 27.38
C SER C 154 -3.02 -16.47 27.83
N VAL C 155 -3.03 -16.94 29.08
CA VAL C 155 -4.21 -17.55 29.68
C VAL C 155 -4.31 -17.09 31.13
N PRO C 156 -5.48 -17.26 31.77
CA PRO C 156 -5.62 -16.83 33.16
C PRO C 156 -4.71 -17.62 34.11
N LYS C 157 -4.13 -16.93 35.08
CA LYS C 157 -3.25 -17.57 36.05
C LYS C 157 -4.07 -18.51 36.94
N ASP C 158 -4.10 -19.77 36.53
CA ASP C 158 -4.82 -20.86 37.20
C ASP C 158 -5.07 -21.91 36.12
N GLY C 159 -5.52 -21.46 34.96
CA GLY C 159 -5.78 -22.36 33.86
C GLY C 159 -7.14 -22.16 33.23
N LEU C 160 -7.39 -22.94 32.19
CA LEU C 160 -8.65 -22.89 31.48
C LEU C 160 -9.28 -24.25 31.76
N LYS C 161 -10.59 -24.34 31.65
CA LYS C 161 -11.27 -25.60 31.90
C LYS C 161 -10.80 -26.71 30.97
N SER C 162 -10.12 -26.34 29.89
CA SER C 162 -9.59 -27.29 28.93
C SER C 162 -8.10 -27.03 28.71
N GLN C 163 -7.41 -26.60 29.77
CA GLN C 163 -5.98 -26.31 29.72
C GLN C 163 -5.24 -27.45 29.03
N GLU C 164 -5.61 -28.67 29.39
CA GLU C 164 -5.03 -29.88 28.82
C GLU C 164 -4.94 -29.80 27.30
N LEU C 165 -6.08 -29.61 26.65
CA LEU C 165 -6.15 -29.51 25.20
C LEU C 165 -5.44 -28.25 24.71
N PHE C 166 -5.58 -27.16 25.45
CA PHE C 166 -4.95 -25.89 25.08
C PHE C 166 -3.47 -26.07 24.81
N ASP C 167 -2.72 -26.51 25.82
CA ASP C 167 -1.28 -26.71 25.67
C ASP C 167 -0.94 -27.65 24.51
N GLU C 168 -1.82 -28.61 24.23
CA GLU C 168 -1.59 -29.54 23.15
C GLU C 168 -1.67 -28.79 21.82
N ILE C 169 -2.71 -27.99 21.65
CA ILE C 169 -2.91 -27.21 20.44
C ILE C 169 -1.77 -26.22 20.25
N ARG C 170 -1.45 -25.47 21.31
CA ARG C 170 -0.38 -24.49 21.28
C ARG C 170 0.92 -25.15 20.84
N MET C 171 1.17 -26.36 21.33
CA MET C 171 2.36 -27.11 20.98
C MET C 171 2.38 -27.37 19.48
N THR C 172 1.25 -27.83 18.95
CA THR C 172 1.10 -28.12 17.54
C THR C 172 1.45 -26.92 16.65
N TYR C 173 1.05 -25.73 17.07
CA TYR C 173 1.33 -24.53 16.29
C TYR C 173 2.75 -24.00 16.49
N ILE C 174 3.38 -24.38 17.59
CA ILE C 174 4.76 -23.98 17.84
C ILE C 174 5.58 -24.78 16.83
N LYS C 175 5.21 -26.05 16.67
CA LYS C 175 5.86 -26.94 15.72
C LYS C 175 5.50 -26.51 14.30
N GLU C 176 4.33 -25.91 14.14
CA GLU C 176 3.87 -25.45 12.84
C GLU C 176 4.75 -24.26 12.44
N LEU C 177 5.10 -23.44 13.42
CA LEU C 177 5.97 -22.29 13.18
C LEU C 177 7.36 -22.80 12.77
N GLY C 178 7.77 -23.92 13.33
CA GLY C 178 9.06 -24.49 13.01
C GLY C 178 9.11 -24.94 11.55
N LYS C 179 8.05 -25.62 11.10
CA LYS C 179 7.95 -26.10 9.73
C LYS C 179 8.06 -24.96 8.73
N ALA C 180 7.35 -23.87 9.00
CA ALA C 180 7.38 -22.70 8.12
C ALA C 180 8.80 -22.20 7.97
N ILE C 181 9.51 -22.08 9.09
CA ILE C 181 10.88 -21.62 9.12
C ILE C 181 11.82 -22.47 8.26
N VAL C 182 11.73 -23.79 8.41
CA VAL C 182 12.58 -24.69 7.66
C VAL C 182 12.42 -24.64 6.13
N LYS C 183 11.20 -24.41 5.64
CA LYS C 183 10.98 -24.38 4.20
C LYS C 183 11.01 -22.98 3.58
N ARG C 184 11.64 -22.04 4.27
CA ARG C 184 11.76 -20.66 3.79
C ARG C 184 13.23 -20.25 3.77
N GLU C 185 13.99 -20.79 4.71
CA GLU C 185 15.40 -20.49 4.88
C GLU C 185 16.33 -21.07 3.80
N GLY C 186 16.90 -22.23 4.10
CA GLY C 186 17.83 -22.87 3.18
C GLY C 186 19.17 -22.96 3.88
N ASN C 187 19.38 -24.08 4.58
CA ASN C 187 20.59 -24.39 5.33
C ASN C 187 20.19 -25.31 6.50
N SER C 188 20.15 -24.76 7.72
CA SER C 188 19.76 -25.50 8.92
C SER C 188 20.22 -24.85 10.24
N SER C 189 21.30 -24.08 10.19
CA SER C 189 21.83 -23.40 11.37
C SER C 189 20.99 -22.18 11.71
N GLN C 190 20.70 -21.40 10.68
CA GLN C 190 19.89 -20.19 10.79
C GLN C 190 18.40 -20.53 10.96
N ASN C 191 18.10 -21.83 10.99
CA ASN C 191 16.74 -22.30 11.18
C ASN C 191 16.39 -22.10 12.65
N TRP C 192 17.29 -22.55 13.53
CA TRP C 192 17.10 -22.40 14.97
C TRP C 192 17.24 -20.95 15.39
N GLN C 193 18.10 -20.21 14.70
CA GLN C 193 18.28 -18.80 15.00
C GLN C 193 16.98 -18.11 14.61
N ARG C 194 16.44 -18.52 13.48
CA ARG C 194 15.18 -17.99 12.96
C ARG C 194 14.11 -18.18 14.03
N PHE C 195 13.96 -19.42 14.46
CA PHE C 195 12.99 -19.80 15.49
C PHE C 195 13.19 -18.94 16.75
N TYR C 196 14.45 -18.76 17.12
CA TYR C 196 14.81 -17.96 18.29
C TYR C 196 14.30 -16.53 18.14
N GLN C 197 14.60 -15.91 17.01
CA GLN C 197 14.19 -14.54 16.72
C GLN C 197 12.69 -14.37 16.60
N LEU C 198 12.04 -15.28 15.88
CA LEU C 198 10.60 -15.22 15.68
C LEU C 198 9.85 -15.39 17.00
N THR C 199 10.29 -16.35 17.82
CA THR C 199 9.68 -16.58 19.13
C THR C 199 9.96 -15.41 20.06
N LYS C 200 11.04 -14.68 19.78
CA LYS C 200 11.42 -13.52 20.58
C LYS C 200 10.48 -12.36 20.24
N LEU C 201 10.05 -12.31 18.98
CA LEU C 201 9.14 -11.27 18.51
C LEU C 201 7.79 -11.47 19.21
N LEU C 202 7.34 -12.72 19.27
CA LEU C 202 6.09 -13.07 19.92
C LEU C 202 6.11 -12.64 21.38
N ASP C 203 7.22 -12.91 22.07
CA ASP C 203 7.38 -12.56 23.46
C ASP C 203 7.24 -11.05 23.68
N SER C 204 7.94 -10.28 22.86
CA SER C 204 7.89 -8.82 22.96
C SER C 204 6.49 -8.29 22.67
N MET C 205 5.69 -9.09 21.95
CA MET C 205 4.33 -8.71 21.60
C MET C 205 3.51 -8.36 22.85
N HIS C 206 3.75 -9.11 23.93
CA HIS C 206 3.05 -8.86 25.19
C HIS C 206 3.23 -7.42 25.66
N GLU C 207 4.46 -6.92 25.58
CA GLU C 207 4.77 -5.56 25.99
C GLU C 207 4.13 -4.51 25.07
N VAL C 208 4.19 -4.74 23.76
CA VAL C 208 3.58 -3.79 22.82
C VAL C 208 2.08 -3.73 23.07
N VAL C 209 1.48 -4.87 23.39
CA VAL C 209 0.06 -4.94 23.67
C VAL C 209 -0.27 -4.14 24.93
N GLU C 210 0.57 -4.29 25.94
CA GLU C 210 0.38 -3.59 27.21
C GLU C 210 0.27 -2.08 26.99
N ASN C 211 1.19 -1.52 26.20
CA ASN C 211 1.17 -0.10 25.92
C ASN C 211 -0.04 0.31 25.11
N LEU C 212 -0.46 -0.54 24.17
CA LEU C 212 -1.63 -0.25 23.36
C LEU C 212 -2.89 -0.31 24.21
N LEU C 213 -2.94 -1.28 25.12
CA LEU C 213 -4.09 -1.44 26.02
C LEU C 213 -4.22 -0.23 26.94
N ASN C 214 -3.12 0.14 27.60
CA ASN C 214 -3.15 1.29 28.49
C ASN C 214 -3.83 2.46 27.80
N TYR C 215 -3.35 2.77 26.59
CA TYR C 215 -3.89 3.86 25.80
C TYR C 215 -5.36 3.62 25.46
N CYS C 216 -5.69 2.39 25.07
CA CYS C 216 -7.06 2.03 24.73
C CYS C 216 -8.01 2.24 25.90
N PHE C 217 -7.60 1.79 27.08
CA PHE C 217 -8.42 1.93 28.28
C PHE C 217 -8.54 3.39 28.70
N GLN C 218 -7.43 4.12 28.57
CA GLN C 218 -7.40 5.54 28.93
C GLN C 218 -8.47 6.30 28.14
N THR C 219 -8.34 6.27 26.82
CA THR C 219 -9.29 6.95 25.94
C THR C 219 -10.71 6.41 26.07
N PHE C 220 -10.84 5.16 26.48
CA PHE C 220 -12.16 4.55 26.66
C PHE C 220 -12.87 5.10 27.89
N LEU C 221 -12.10 5.42 28.91
CA LEU C 221 -12.65 5.93 30.16
C LEU C 221 -12.57 7.44 30.33
N ASP C 222 -12.58 8.18 29.22
CA ASP C 222 -12.50 9.64 29.27
C ASP C 222 -13.26 10.21 28.08
N LYS C 223 -14.54 10.54 28.28
CA LYS C 223 -15.33 11.08 27.18
C LYS C 223 -15.11 12.57 26.90
N THR C 224 -14.25 13.21 27.69
CA THR C 224 -13.94 14.62 27.44
C THR C 224 -13.16 14.62 26.13
N MET C 225 -12.50 13.49 25.86
CA MET C 225 -11.73 13.26 24.65
C MET C 225 -12.73 12.95 23.54
N SER C 226 -13.87 12.37 23.94
CA SER C 226 -14.98 12.03 23.05
C SER C 226 -14.79 10.91 22.02
N ILE C 227 -13.75 10.10 22.16
CA ILE C 227 -13.52 9.03 21.20
C ILE C 227 -14.49 7.86 21.42
N GLU C 228 -15.14 7.44 20.34
CA GLU C 228 -16.12 6.34 20.41
C GLU C 228 -15.57 4.98 19.99
N PHE C 229 -16.16 3.93 20.56
CA PHE C 229 -15.79 2.55 20.27
C PHE C 229 -17.08 1.81 19.92
N PRO C 230 -17.01 0.86 18.97
CA PRO C 230 -18.22 0.12 18.59
C PRO C 230 -18.61 -0.90 19.66
N GLU C 231 -19.61 -1.72 19.34
CA GLU C 231 -20.10 -2.73 20.28
C GLU C 231 -19.04 -3.74 20.71
N MET C 232 -18.50 -4.49 19.75
CA MET C 232 -17.49 -5.50 20.07
C MET C 232 -16.35 -5.03 20.97
N LEU C 233 -15.73 -3.91 20.60
CA LEU C 233 -14.62 -3.38 21.39
C LEU C 233 -15.06 -2.85 22.76
N ALA C 234 -16.17 -2.12 22.79
CA ALA C 234 -16.67 -1.57 24.05
C ALA C 234 -16.92 -2.70 25.03
N GLU C 235 -17.61 -3.74 24.57
CA GLU C 235 -17.95 -4.90 25.38
C GLU C 235 -16.71 -5.58 25.96
N ILE C 236 -15.74 -5.86 25.09
CA ILE C 236 -14.49 -6.53 25.52
C ILE C 236 -13.68 -5.65 26.46
N ILE C 237 -13.45 -4.41 26.06
CA ILE C 237 -12.67 -3.47 26.88
C ILE C 237 -13.21 -3.38 28.30
N THR C 238 -14.51 -3.12 28.44
CA THR C 238 -15.12 -3.03 29.76
C THR C 238 -14.84 -4.26 30.62
N ASN C 239 -14.84 -5.43 29.99
CA ASN C 239 -14.58 -6.68 30.69
C ASN C 239 -13.14 -6.72 31.21
N GLN C 240 -12.18 -6.57 30.30
CA GLN C 240 -10.76 -6.61 30.62
C GLN C 240 -10.22 -5.52 31.56
N ILE C 241 -10.62 -4.26 31.31
CA ILE C 241 -10.17 -3.12 32.11
C ILE C 241 -9.57 -3.42 33.49
N PRO C 242 -10.38 -3.95 34.43
CA PRO C 242 -9.83 -4.23 35.75
C PRO C 242 -8.78 -5.34 35.81
N LYS C 243 -9.21 -6.59 35.63
CA LYS C 243 -8.31 -7.74 35.68
C LYS C 243 -6.99 -7.56 34.92
N TYR C 244 -6.99 -6.74 33.89
CA TYR C 244 -5.80 -6.52 33.09
C TYR C 244 -4.68 -5.71 33.73
N SER C 245 -4.85 -4.40 33.81
CA SER C 245 -3.86 -3.50 34.38
C SER C 245 -3.05 -4.06 35.57
N ASN C 246 -3.74 -4.56 36.59
CA ASN C 246 -3.06 -5.10 37.77
C ASN C 246 -1.88 -5.99 37.40
N GLY C 247 -2.21 -7.17 36.87
CA GLY C 247 -1.21 -8.14 36.50
C GLY C 247 -1.57 -9.47 37.13
N ASN C 248 -2.85 -9.81 37.05
CA ASN C 248 -3.36 -11.06 37.62
C ASN C 248 -3.52 -12.09 36.50
N ILE C 249 -2.84 -11.84 35.38
CA ILE C 249 -2.88 -12.71 34.21
C ILE C 249 -1.51 -13.27 33.88
N LYS C 250 -1.48 -14.50 33.39
CA LYS C 250 -0.23 -15.17 33.04
C LYS C 250 0.11 -15.05 31.56
N LYS C 251 1.21 -14.37 31.27
CA LYS C 251 1.65 -14.19 29.88
C LYS C 251 2.67 -15.29 29.56
N LEU C 252 2.31 -16.18 28.66
CA LEU C 252 3.20 -17.26 28.27
C LEU C 252 4.36 -16.70 27.47
N LEU C 253 5.56 -17.20 27.72
CA LEU C 253 6.75 -16.72 27.02
C LEU C 253 7.64 -17.86 26.56
N PHE C 254 8.42 -17.61 25.52
CA PHE C 254 9.34 -18.59 24.97
C PHE C 254 10.73 -18.40 25.57
N HIS C 255 11.03 -17.16 25.92
CA HIS C 255 12.32 -16.79 26.49
C HIS C 255 12.09 -15.98 27.76
N GLN C 256 12.57 -16.49 28.89
CA GLN C 256 12.41 -15.80 30.16
C GLN C 256 13.44 -14.70 30.30
N LYS C 257 13.06 -13.58 30.89
CA LYS C 257 13.97 -12.46 31.09
C LYS C 257 14.85 -12.71 32.32
N PRO D 1 -16.10 -17.27 44.36
CA PRO D 1 -16.53 -16.13 45.20
C PRO D 1 -17.21 -15.03 44.38
N VAL D 2 -16.97 -13.77 44.76
CA VAL D 2 -17.58 -12.64 44.07
C VAL D 2 -16.82 -12.26 42.79
N SER D 3 -17.55 -11.62 41.88
CA SER D 3 -16.98 -11.17 40.61
C SER D 3 -17.91 -10.15 39.93
N PRO D 4 -18.04 -8.95 40.52
CA PRO D 4 -18.90 -7.90 39.96
C PRO D 4 -18.69 -7.72 38.46
N LYS D 5 -19.66 -7.09 37.81
CA LYS D 5 -19.62 -6.84 36.37
C LYS D 5 -19.92 -8.12 35.59
N LYS D 6 -20.83 -8.93 36.14
CA LYS D 6 -21.23 -10.19 35.52
C LYS D 6 -21.97 -9.92 34.20
N LYS D 7 -22.11 -10.96 33.38
CA LYS D 7 -22.79 -10.82 32.09
C LYS D 7 -22.21 -9.60 31.38
N GLU D 8 -20.91 -9.66 31.10
CA GLU D 8 -20.21 -8.55 30.45
C GLU D 8 -19.89 -8.80 28.98
N ASN D 9 -19.85 -10.07 28.57
CA ASN D 9 -19.55 -10.43 27.19
C ASN D 9 -20.63 -11.32 26.58
N ALA D 10 -21.83 -10.78 26.45
CA ALA D 10 -22.95 -11.53 25.87
C ALA D 10 -22.85 -11.62 24.35
N LEU D 11 -22.44 -10.54 23.71
CA LEU D 11 -22.31 -10.51 22.26
C LEU D 11 -21.27 -11.51 21.75
N LEU D 12 -20.10 -11.51 22.39
CA LEU D 12 -19.01 -12.41 21.99
C LEU D 12 -19.45 -13.87 22.02
N ARG D 13 -20.12 -14.29 23.10
CA ARG D 13 -20.58 -15.67 23.21
C ARG D 13 -21.48 -16.03 22.03
N TYR D 14 -22.44 -15.17 21.72
CA TYR D 14 -23.37 -15.40 20.61
C TYR D 14 -22.61 -15.73 19.33
N LEU D 15 -21.65 -14.89 18.98
CA LEU D 15 -20.85 -15.09 17.77
C LEU D 15 -20.10 -16.42 17.72
N LEU D 16 -19.72 -16.93 18.88
CA LEU D 16 -18.98 -18.20 18.95
C LEU D 16 -19.83 -19.46 18.83
N ASP D 17 -21.14 -19.35 19.05
CA ASP D 17 -22.01 -20.51 18.97
C ASP D 17 -22.54 -20.88 17.58
N LYS D 18 -23.20 -19.93 16.93
CA LYS D 18 -23.78 -20.15 15.60
C LYS D 18 -22.80 -20.67 14.55
N ASP D 19 -23.15 -20.48 13.28
CA ASP D 19 -22.33 -20.89 12.14
C ASP D 19 -22.71 -22.21 11.47
N ASP D 20 -22.62 -22.22 10.14
CA ASP D 20 -22.91 -23.40 9.30
C ASP D 20 -23.04 -22.93 7.85
N THR D 21 -24.18 -22.35 7.52
CA THR D 21 -24.46 -21.84 6.18
C THR D 21 -24.29 -22.88 5.07
#